data_9CCS
#
_entry.id   9CCS
#
_cell.length_a   1.00
_cell.length_b   1.00
_cell.length_c   1.00
_cell.angle_alpha   90.00
_cell.angle_beta   90.00
_cell.angle_gamma   90.00
#
_symmetry.space_group_name_H-M   'P 1'
#
loop_
_entity.id
_entity.type
_entity.pdbx_description
1 polymer 'Type 1 fimbiral adhesin FimH'
2 polymer '2H04 Fab light chain'
3 polymer '2H04 Fab heavy chain'
#
loop_
_entity_poly.entity_id
_entity_poly.type
_entity_poly.pdbx_seq_one_letter_code
_entity_poly.pdbx_strand_id
1 'polypeptide(L)'
;FACKTANGTAIPIGGGSANVYVNLAPAVNVGQNLVVDLSTQIFCHNDYPETITDYVTLQRGAAYGGVLSSFSGTVKYNGS
SYPFPTTSETPRVVYNSRTDKPWPVALYLTPVSSAGGVAIKAGSLIAVLILRQTNNYNSDDFQFVWNIYANNDVVVPTGG
CDVSARDVTVTLPDYPGSVPIPLTVYCAKSQNLGYYLSGTTADAGNSIFTNTASFSPAQGVGVQLTRNGTIIPANNTVSL
GAVGTSAVSLGLTANYARTGGQVTAGNVQSIIGVTFVYQ
;
A
2 'polypeptide(L)'
;TGVHSQIVLTQSPALMAASPGEKVTITCSVSSSISSSNLHWYQQKSETSPKPWIYGTSNLASGVPIRFSGSGSGTSYSLT
ISSLEAEDAATYYCQQWRSYPWTFGGGTKLEIKRTVAAPSVFIFPPSDEQLKSGTASVVCLLNNFYPREAKVQWKVDNAL
QSGNSQESVTEQDSKDSTYSLSSTLTLSKADYEKHKVYACEVTHQGLSSPVTKSFNRGEC
;
B
3 'polypeptide(L)'
;TGVHSEVQLQQSGAELVKPGASVKLSCKASGYTFTSYWMHWVKQRPGQGLEWIGLIHPNSSSTYYNEKFKTRATLTVDKS
SSTAYMQLSSLTSEDSAVYYCARLGYGNSYWYFDVWGTGTTVTVSSASTKGPSVFPLAPSSKSTSGGTAALGCLVKDYFP
EPVTVSWNSGALTSGVHTFPAVLQSSGLYSLSSVVTVPSSSLGTQTYICNVNHKPSNTKVDKKVEPKSCRSLVPRGSSGH
HHHHH
;
C
#
# COMPACT_ATOMS: atom_id res chain seq x y z
N PHE A 1 24.88 -37.11 -15.91
CA PHE A 1 24.18 -38.31 -15.48
C PHE A 1 22.96 -37.97 -14.65
N ALA A 2 22.77 -36.69 -14.35
CA ALA A 2 21.69 -36.28 -13.48
C ALA A 2 21.20 -34.89 -13.88
N CYS A 3 19.97 -34.59 -13.45
CA CYS A 3 19.39 -33.26 -13.66
C CYS A 3 18.53 -32.91 -12.45
N LYS A 4 18.65 -31.67 -11.99
CA LYS A 4 17.94 -31.20 -10.81
C LYS A 4 17.31 -29.84 -11.07
N THR A 5 16.17 -29.60 -10.45
CA THR A 5 15.48 -28.32 -10.55
C THR A 5 15.85 -27.42 -9.38
N ALA A 6 15.42 -26.16 -9.46
CA ALA A 6 15.67 -25.22 -8.38
C ALA A 6 14.79 -25.50 -7.17
N ASN A 7 13.64 -26.14 -7.38
CA ASN A 7 12.72 -26.44 -6.28
C ASN A 7 13.15 -27.66 -5.48
N GLY A 8 14.13 -28.42 -5.94
CA GLY A 8 14.60 -29.61 -5.25
C GLY A 8 14.05 -30.92 -5.77
N THR A 9 13.03 -30.88 -6.62
CA THR A 9 12.46 -32.09 -7.20
C THR A 9 13.41 -32.61 -8.27
N ALA A 10 14.41 -33.37 -7.84
CA ALA A 10 15.48 -33.83 -8.71
C ALA A 10 15.14 -35.18 -9.33
N ILE A 11 15.64 -35.40 -10.54
CA ILE A 11 15.42 -36.66 -11.24
C ILE A 11 16.52 -37.63 -10.83
N PRO A 12 16.20 -38.89 -10.54
CA PRO A 12 17.25 -39.86 -10.25
C PRO A 12 18.09 -40.16 -11.48
N ILE A 13 19.22 -40.83 -11.23
CA ILE A 13 20.21 -41.08 -12.28
C ILE A 13 19.60 -41.85 -13.43
N GLY A 14 18.75 -42.83 -13.11
CA GLY A 14 18.14 -43.65 -14.13
C GLY A 14 17.07 -42.98 -14.95
N GLY A 15 16.75 -41.72 -14.67
CA GLY A 15 15.62 -41.05 -15.28
C GLY A 15 14.36 -41.14 -14.44
N GLY A 16 13.38 -40.35 -14.82
CA GLY A 16 12.16 -40.23 -14.05
C GLY A 16 11.59 -38.84 -14.22
N SER A 17 10.45 -38.61 -13.57
CA SER A 17 9.67 -37.39 -13.75
C SER A 17 9.58 -36.60 -12.44
N ALA A 18 9.70 -35.28 -12.56
CA ALA A 18 9.49 -34.42 -11.38
C ALA A 18 9.05 -33.03 -11.82
N ASN A 19 8.54 -32.27 -10.85
CA ASN A 19 7.89 -31.00 -11.11
C ASN A 19 8.89 -29.86 -11.17
N VAL A 20 8.58 -28.86 -12.00
CA VAL A 20 9.40 -27.68 -12.21
C VAL A 20 8.50 -26.48 -11.95
N TYR A 21 8.48 -25.99 -10.72
CA TYR A 21 7.62 -24.86 -10.38
C TYR A 21 8.32 -23.58 -10.83
N VAL A 22 7.75 -22.94 -11.85
CA VAL A 22 8.40 -21.84 -12.56
C VAL A 22 7.68 -20.53 -12.26
N ASN A 23 8.44 -19.53 -11.79
CA ASN A 23 7.91 -18.21 -11.52
C ASN A 23 8.02 -17.39 -12.79
N LEU A 24 6.90 -16.87 -13.26
CA LEU A 24 6.76 -16.35 -14.60
C LEU A 24 6.66 -14.84 -14.57
N ALA A 25 6.57 -14.25 -15.76
CA ALA A 25 6.25 -12.84 -15.90
C ALA A 25 4.73 -12.71 -15.89
N PRO A 26 4.15 -12.09 -14.87
CA PRO A 26 2.69 -12.20 -14.67
C PRO A 26 1.87 -11.55 -15.73
N ALA A 27 2.48 -10.73 -16.57
CA ALA A 27 1.80 -10.20 -17.73
C ALA A 27 2.82 -10.14 -18.85
N VAL A 28 2.50 -10.77 -19.97
CA VAL A 28 3.25 -10.60 -21.20
C VAL A 28 2.23 -10.33 -22.29
N ASN A 29 2.69 -9.62 -23.33
CA ASN A 29 1.83 -9.21 -24.41
C ASN A 29 2.21 -9.93 -25.68
N VAL A 30 1.28 -9.94 -26.64
CA VAL A 30 1.57 -10.46 -27.97
C VAL A 30 2.63 -9.59 -28.61
N GLY A 31 3.64 -10.22 -29.19
CA GLY A 31 4.81 -9.52 -29.71
C GLY A 31 5.92 -9.49 -28.68
N GLN A 32 5.58 -9.23 -27.43
CA GLN A 32 6.51 -9.46 -26.34
C GLN A 32 6.64 -10.95 -26.07
N ASN A 33 7.61 -11.31 -25.26
CA ASN A 33 7.99 -12.71 -25.08
C ASN A 33 7.84 -13.09 -23.62
N LEU A 34 7.12 -14.19 -23.37
CA LEU A 34 7.19 -14.84 -22.07
C LEU A 34 8.45 -15.68 -22.08
N VAL A 35 9.52 -15.15 -21.49
CA VAL A 35 10.80 -15.83 -21.48
C VAL A 35 10.83 -16.67 -20.21
N VAL A 36 10.36 -17.92 -20.32
CA VAL A 36 10.36 -18.76 -19.14
C VAL A 36 11.75 -19.36 -19.00
N ASP A 37 12.63 -18.65 -18.30
CA ASP A 37 14.05 -18.98 -18.26
C ASP A 37 14.23 -20.21 -17.38
N LEU A 38 13.98 -21.38 -17.98
CA LEU A 38 14.29 -22.63 -17.32
C LEU A 38 15.80 -22.83 -17.19
N SER A 39 16.60 -22.01 -17.87
CA SER A 39 18.03 -21.97 -17.61
C SER A 39 18.35 -21.50 -16.21
N THR A 40 17.42 -20.81 -15.54
CA THR A 40 17.58 -20.43 -14.15
C THR A 40 16.80 -21.32 -13.19
N GLN A 41 16.14 -22.36 -13.69
CA GLN A 41 15.27 -23.20 -12.87
C GLN A 41 15.61 -24.67 -12.90
N ILE A 42 15.96 -25.24 -14.05
CA ILE A 42 16.36 -26.63 -14.17
C ILE A 42 17.74 -26.70 -14.77
N PHE A 43 18.58 -27.55 -14.17
CA PHE A 43 19.99 -27.63 -14.50
C PHE A 43 20.37 -29.10 -14.57
N CYS A 44 21.51 -29.38 -15.18
CA CYS A 44 21.94 -30.74 -15.40
C CYS A 44 23.43 -30.86 -15.16
N HIS A 45 23.87 -32.07 -14.82
CA HIS A 45 25.27 -32.30 -14.49
C HIS A 45 25.64 -33.75 -14.78
N ASN A 46 26.94 -33.98 -14.89
CA ASN A 46 27.51 -35.30 -15.15
C ASN A 46 28.31 -35.78 -13.94
N ASP A 47 28.33 -37.09 -13.75
CA ASP A 47 29.04 -37.66 -12.61
C ASP A 47 30.54 -37.41 -12.71
N TYR A 48 31.14 -37.78 -13.84
CA TYR A 48 32.55 -37.50 -14.10
C TYR A 48 32.78 -37.44 -15.61
N PRO A 49 33.01 -36.25 -16.17
CA PRO A 49 33.14 -36.13 -17.62
C PRO A 49 34.50 -36.52 -18.18
N GLU A 50 35.41 -36.97 -17.32
CA GLU A 50 36.75 -37.35 -17.79
C GLU A 50 36.68 -38.50 -18.77
N THR A 51 35.86 -39.50 -18.48
CA THR A 51 35.67 -40.64 -19.37
C THR A 51 34.25 -40.78 -19.89
N ILE A 52 33.25 -40.27 -19.17
CA ILE A 52 31.87 -40.42 -19.62
C ILE A 52 31.64 -39.60 -20.88
N THR A 53 32.08 -38.34 -20.86
CA THR A 53 31.92 -37.41 -21.98
C THR A 53 30.44 -37.36 -22.38
N ASP A 54 29.65 -36.87 -21.44
CA ASP A 54 28.20 -36.94 -21.58
C ASP A 54 27.71 -36.06 -22.73
N TYR A 55 26.53 -36.40 -23.25
CA TYR A 55 25.88 -35.67 -24.32
C TYR A 55 24.42 -35.59 -23.93
N VAL A 56 24.00 -34.42 -23.51
CA VAL A 56 22.71 -34.21 -22.86
C VAL A 56 21.92 -33.25 -23.74
N THR A 57 20.78 -33.71 -24.24
CA THR A 57 20.02 -32.93 -25.19
C THR A 57 18.54 -32.99 -24.86
N LEU A 58 17.78 -32.12 -25.53
CA LEU A 58 16.34 -32.03 -25.35
C LEU A 58 15.67 -32.86 -26.44
N GLN A 59 15.51 -34.15 -26.16
CA GLN A 59 14.93 -35.04 -27.16
C GLN A 59 13.46 -34.76 -27.37
N ARG A 60 12.77 -34.23 -26.37
CA ARG A 60 11.34 -34.00 -26.49
C ARG A 60 10.94 -32.79 -25.66
N GLY A 61 9.99 -32.03 -26.20
CA GLY A 61 9.32 -30.98 -25.46
C GLY A 61 7.85 -31.01 -25.80
N ALA A 62 6.99 -30.86 -24.81
CA ALA A 62 5.55 -30.94 -25.02
C ALA A 62 4.86 -29.78 -24.33
N ALA A 63 3.79 -29.28 -24.94
CA ALA A 63 2.99 -28.20 -24.39
C ALA A 63 1.76 -28.78 -23.73
N TYR A 64 1.71 -28.70 -22.40
CA TYR A 64 0.56 -29.13 -21.61
C TYR A 64 0.08 -27.98 -20.74
N GLY A 65 -1.20 -28.04 -20.39
CA GLY A 65 -1.74 -27.03 -19.49
C GLY A 65 -1.88 -25.67 -20.16
N GLY A 66 -1.35 -24.64 -19.50
CA GLY A 66 -1.56 -23.29 -19.97
C GLY A 66 -0.87 -23.00 -21.29
N VAL A 67 0.33 -23.54 -21.48
CA VAL A 67 1.08 -23.26 -22.69
C VAL A 67 0.40 -23.89 -23.91
N LEU A 68 -0.18 -25.08 -23.73
CA LEU A 68 -0.90 -25.73 -24.83
C LEU A 68 -2.07 -24.88 -25.30
N SER A 69 -2.68 -24.11 -24.39
CA SER A 69 -3.89 -23.35 -24.74
C SER A 69 -3.56 -22.19 -25.67
N SER A 70 -2.74 -21.25 -25.20
CA SER A 70 -2.46 -20.04 -25.96
C SER A 70 -0.98 -19.86 -26.27
N PHE A 71 -0.10 -20.06 -25.29
CA PHE A 71 1.30 -19.66 -25.40
C PHE A 71 2.03 -20.62 -26.33
N SER A 72 2.23 -20.21 -27.58
CA SER A 72 3.00 -20.98 -28.55
C SER A 72 4.34 -20.30 -28.76
N GLY A 73 5.41 -20.93 -28.29
CA GLY A 73 6.72 -20.33 -28.38
C GLY A 73 7.77 -21.15 -29.06
N THR A 74 9.04 -20.78 -28.87
CA THR A 74 10.17 -21.47 -29.45
C THR A 74 11.20 -21.80 -28.38
N VAL A 75 11.68 -23.04 -28.40
CA VAL A 75 12.69 -23.46 -27.45
C VAL A 75 14.07 -23.03 -27.91
N LYS A 76 14.81 -22.38 -27.03
CA LYS A 76 16.15 -21.90 -27.31
C LYS A 76 17.12 -22.80 -26.56
N TYR A 77 17.93 -23.54 -27.29
CA TYR A 77 18.92 -24.45 -26.74
C TYR A 77 20.29 -23.92 -27.12
N ASN A 78 21.05 -23.46 -26.12
CA ASN A 78 22.39 -22.89 -26.31
C ASN A 78 22.38 -21.70 -27.27
N GLY A 79 21.31 -20.92 -27.26
CA GLY A 79 21.19 -19.77 -28.12
C GLY A 79 20.54 -20.04 -29.46
N SER A 80 20.33 -21.30 -29.82
CA SER A 80 19.71 -21.64 -31.08
C SER A 80 18.19 -21.55 -30.93
N SER A 81 17.45 -22.02 -31.93
CA SER A 81 16.00 -21.84 -31.93
C SER A 81 15.35 -23.04 -32.62
N TYR A 82 14.38 -23.65 -31.95
CA TYR A 82 13.70 -24.83 -32.44
C TYR A 82 12.22 -24.68 -32.14
N PRO A 83 11.35 -25.29 -32.94
CA PRO A 83 9.91 -25.12 -32.70
C PRO A 83 9.47 -25.83 -31.42
N PHE A 84 8.98 -25.05 -30.47
CA PHE A 84 8.37 -25.66 -29.29
C PHE A 84 6.87 -25.85 -29.54
N PRO A 85 6.29 -27.00 -29.22
CA PRO A 85 6.85 -28.18 -28.52
C PRO A 85 7.93 -28.91 -29.32
N THR A 86 9.01 -29.33 -28.66
CA THR A 86 10.18 -29.87 -29.34
C THR A 86 9.84 -31.25 -29.90
N THR A 87 9.49 -31.28 -31.18
CA THR A 87 9.15 -32.51 -31.87
C THR A 87 10.35 -33.15 -32.55
N SER A 88 11.53 -32.57 -32.39
CA SER A 88 12.73 -33.08 -33.05
C SER A 88 13.87 -33.10 -32.05
N GLU A 89 14.93 -33.81 -32.43
CA GLU A 89 16.13 -33.87 -31.61
C GLU A 89 16.79 -32.50 -31.53
N THR A 90 17.38 -32.24 -30.40
CA THR A 90 18.18 -31.02 -30.38
C THR A 90 19.67 -31.37 -30.35
N PRO A 91 20.50 -30.54 -30.96
CA PRO A 91 21.94 -30.81 -31.00
C PRO A 91 22.56 -30.91 -29.61
N ARG A 92 23.52 -31.81 -29.48
CA ARG A 92 24.08 -32.14 -28.18
C ARG A 92 24.91 -30.99 -27.63
N VAL A 93 24.80 -30.78 -26.32
CA VAL A 93 25.46 -29.65 -25.67
C VAL A 93 26.21 -30.12 -24.42
N VAL A 94 26.68 -31.36 -24.50
CA VAL A 94 27.67 -32.03 -23.63
C VAL A 94 27.53 -31.89 -22.12
N TYR A 95 27.64 -30.69 -21.54
CA TYR A 95 27.89 -30.57 -20.10
C TYR A 95 29.02 -31.49 -19.63
N ASN A 96 30.17 -31.38 -20.31
CA ASN A 96 31.39 -32.04 -19.88
C ASN A 96 31.99 -31.26 -18.71
N SER A 97 31.31 -31.34 -17.58
CA SER A 97 31.74 -30.65 -16.37
C SER A 97 31.06 -31.28 -15.16
N ARG A 98 31.86 -31.61 -14.14
CA ARG A 98 31.30 -32.10 -12.89
C ARG A 98 30.41 -31.04 -12.24
N THR A 99 30.89 -29.80 -12.20
CA THR A 99 30.11 -28.71 -11.62
C THR A 99 28.86 -28.46 -12.44
N ASP A 100 27.75 -28.21 -11.74
CA ASP A 100 26.48 -28.00 -12.41
C ASP A 100 26.51 -26.72 -13.22
N LYS A 101 26.00 -26.79 -14.45
CA LYS A 101 25.87 -25.63 -15.30
C LYS A 101 24.42 -25.47 -15.76
N PRO A 102 23.96 -24.24 -15.92
CA PRO A 102 22.52 -23.96 -15.87
C PRO A 102 21.75 -24.27 -17.15
N TRP A 103 22.00 -25.47 -17.72
CA TRP A 103 21.14 -26.15 -18.68
C TRP A 103 20.51 -25.22 -19.71
N PRO A 104 21.27 -24.72 -20.68
CA PRO A 104 20.78 -23.57 -21.46
C PRO A 104 19.58 -23.88 -22.33
N VAL A 105 18.41 -23.98 -21.71
CA VAL A 105 17.14 -23.97 -22.42
C VAL A 105 16.44 -22.68 -22.04
N ALA A 106 15.57 -22.20 -22.93
CA ALA A 106 14.74 -21.04 -22.64
C ALA A 106 13.56 -21.07 -23.60
N LEU A 107 12.38 -21.29 -23.07
CA LEU A 107 11.19 -21.23 -23.91
C LEU A 107 10.78 -19.78 -24.05
N TYR A 108 10.79 -19.29 -25.29
CA TYR A 108 10.28 -17.97 -25.61
C TYR A 108 8.84 -18.17 -26.08
N LEU A 109 7.92 -18.16 -25.12
CA LEU A 109 6.51 -18.35 -25.40
C LEU A 109 5.87 -16.98 -25.58
N THR A 110 5.77 -16.55 -26.82
CA THR A 110 4.89 -15.44 -27.17
C THR A 110 3.48 -15.99 -27.33
N PRO A 111 2.51 -15.50 -26.58
CA PRO A 111 1.15 -16.06 -26.65
C PRO A 111 0.54 -15.93 -28.02
N VAL A 112 -0.52 -16.71 -28.24
CA VAL A 112 -1.27 -16.62 -29.49
C VAL A 112 -1.93 -15.25 -29.59
N SER A 113 -2.37 -14.90 -30.81
CA SER A 113 -2.79 -13.55 -31.11
C SER A 113 -3.99 -13.14 -30.29
N SER A 114 -3.73 -12.30 -29.28
CA SER A 114 -4.71 -11.69 -28.37
C SER A 114 -5.38 -12.69 -27.45
N ALA A 115 -5.13 -14.00 -27.67
CA ALA A 115 -5.64 -15.13 -26.90
C ALA A 115 -7.03 -14.90 -26.34
N GLY A 116 -7.15 -14.87 -25.01
CA GLY A 116 -8.35 -14.40 -24.36
C GLY A 116 -8.31 -14.52 -22.85
N GLY A 117 -8.65 -13.43 -22.17
CA GLY A 117 -8.81 -13.46 -20.73
C GLY A 117 -7.56 -13.90 -19.98
N VAL A 118 -7.75 -14.85 -19.08
CA VAL A 118 -6.70 -15.33 -18.19
C VAL A 118 -6.07 -16.57 -18.81
N ALA A 119 -4.74 -16.64 -18.76
CA ALA A 119 -3.99 -17.75 -19.31
C ALA A 119 -2.99 -18.26 -18.29
N ILE A 120 -2.52 -19.48 -18.51
CA ILE A 120 -1.53 -20.13 -17.66
C ILE A 120 -2.02 -20.12 -16.22
N LYS A 121 -2.87 -21.08 -15.87
CA LYS A 121 -3.42 -21.14 -14.52
C LYS A 121 -2.31 -21.43 -13.52
N ALA A 122 -2.44 -20.86 -12.34
CA ALA A 122 -1.43 -21.04 -11.32
C ALA A 122 -1.46 -22.46 -10.78
N GLY A 123 -0.28 -23.06 -10.67
CA GLY A 123 -0.20 -24.46 -10.31
C GLY A 123 -0.53 -25.42 -11.41
N SER A 124 -0.68 -24.94 -12.64
CA SER A 124 -0.99 -25.80 -13.78
C SER A 124 0.28 -26.10 -14.55
N LEU A 125 0.24 -27.21 -15.30
CA LEU A 125 1.38 -27.60 -16.12
C LEU A 125 1.71 -26.53 -17.15
N ILE A 126 2.98 -26.14 -17.22
CA ILE A 126 3.47 -25.33 -18.32
C ILE A 126 3.90 -26.19 -19.48
N ALA A 127 4.75 -27.17 -19.22
CA ALA A 127 5.31 -27.95 -20.32
C ALA A 127 5.80 -29.28 -19.78
N VAL A 128 6.31 -30.12 -20.66
CA VAL A 128 6.95 -31.37 -20.30
C VAL A 128 8.24 -31.43 -21.10
N LEU A 129 9.38 -31.21 -20.45
CA LEU A 129 10.68 -31.25 -21.09
C LEU A 129 11.25 -32.64 -20.83
N ILE A 130 11.27 -33.47 -21.86
CA ILE A 130 11.78 -34.82 -21.77
C ILE A 130 13.19 -34.79 -22.33
N LEU A 131 14.16 -35.04 -21.47
CA LEU A 131 15.58 -34.90 -21.77
C LEU A 131 16.18 -36.27 -22.08
N ARG A 132 17.10 -36.30 -23.05
CA ARG A 132 17.88 -37.48 -23.37
C ARG A 132 19.28 -37.32 -22.82
N GLN A 133 19.76 -38.36 -22.16
CA GLN A 133 21.15 -38.47 -21.75
C GLN A 133 21.80 -39.62 -22.52
N THR A 134 22.92 -39.32 -23.18
CA THR A 134 23.70 -40.33 -23.89
C THR A 134 25.18 -40.09 -23.58
N ASN A 135 26.01 -41.06 -23.94
CA ASN A 135 27.45 -40.90 -23.84
C ASN A 135 28.10 -41.99 -24.68
N ASN A 136 29.39 -41.82 -24.94
CA ASN A 136 30.15 -42.85 -25.63
C ASN A 136 30.59 -43.98 -24.72
N TYR A 137 30.40 -43.84 -23.41
CA TYR A 137 30.83 -44.88 -22.48
C TYR A 137 29.94 -46.11 -22.58
N ASN A 138 28.62 -45.92 -22.59
CA ASN A 138 27.70 -47.04 -22.68
C ASN A 138 26.49 -46.60 -23.49
N SER A 139 25.43 -47.40 -23.43
CA SER A 139 24.19 -47.14 -24.14
C SER A 139 23.08 -46.75 -23.17
N ASP A 140 23.45 -45.98 -22.13
CA ASP A 140 22.49 -45.54 -21.11
C ASP A 140 21.71 -44.33 -21.63
N ASP A 141 20.90 -44.59 -22.65
CA ASP A 141 20.00 -43.58 -23.21
C ASP A 141 18.90 -43.35 -22.19
N PHE A 142 19.11 -42.37 -21.31
CA PHE A 142 18.30 -42.25 -20.12
C PHE A 142 17.37 -41.05 -20.21
N GLN A 143 16.25 -41.16 -19.49
CA GLN A 143 15.03 -40.40 -19.74
C GLN A 143 14.79 -39.47 -18.56
N PHE A 144 14.70 -38.16 -18.81
CA PHE A 144 14.53 -37.18 -17.72
C PHE A 144 13.30 -36.32 -18.00
N VAL A 145 12.18 -36.59 -17.35
CA VAL A 145 10.93 -35.87 -17.57
C VAL A 145 10.80 -34.76 -16.53
N TRP A 146 10.78 -33.51 -17.01
CA TRP A 146 10.48 -32.34 -16.21
C TRP A 146 9.07 -31.89 -16.55
N ASN A 147 8.14 -32.03 -15.61
CA ASN A 147 6.81 -31.47 -15.82
C ASN A 147 6.84 -30.04 -15.27
N ILE A 148 6.99 -29.08 -16.18
CA ILE A 148 7.01 -27.66 -15.87
C ILE A 148 5.62 -27.23 -15.43
N TYR A 149 5.48 -26.88 -14.16
CA TYR A 149 4.27 -26.37 -13.54
C TYR A 149 4.43 -24.88 -13.29
N ALA A 150 3.47 -24.08 -13.74
CA ALA A 150 3.51 -22.65 -13.49
C ALA A 150 3.33 -22.36 -12.01
N ASN A 151 4.18 -21.50 -11.46
CA ASN A 151 4.01 -21.09 -10.08
C ASN A 151 2.98 -20.00 -9.94
N ASN A 152 2.62 -19.35 -11.03
CA ASN A 152 1.77 -18.17 -10.97
C ASN A 152 1.05 -17.99 -12.29
N ASP A 153 0.20 -16.98 -12.34
CA ASP A 153 -0.69 -16.78 -13.46
C ASP A 153 -0.18 -15.63 -14.31
N VAL A 154 -0.06 -15.88 -15.61
CA VAL A 154 0.23 -14.81 -16.55
C VAL A 154 -1.09 -14.30 -17.06
N VAL A 155 -1.15 -13.07 -17.56
CA VAL A 155 -2.30 -12.62 -18.31
C VAL A 155 -1.90 -12.26 -19.73
N VAL A 156 -2.87 -12.43 -20.62
CA VAL A 156 -2.81 -11.93 -21.99
C VAL A 156 -3.83 -10.80 -22.07
N PRO A 157 -3.45 -9.59 -21.64
CA PRO A 157 -4.43 -8.53 -21.43
C PRO A 157 -5.16 -8.13 -22.70
N THR A 158 -6.42 -7.73 -22.54
CA THR A 158 -7.17 -7.22 -23.68
C THR A 158 -6.75 -5.78 -23.99
N GLY A 159 -7.09 -5.35 -25.19
CA GLY A 159 -6.73 -4.01 -25.64
C GLY A 159 -6.53 -3.93 -27.14
N GLN B 6 -12.38 -14.73 -6.75
CA GLN B 6 -11.61 -13.98 -5.76
C GLN B 6 -10.83 -14.91 -4.84
N ILE B 7 -9.70 -14.42 -4.33
CA ILE B 7 -8.89 -15.16 -3.36
C ILE B 7 -8.97 -14.40 -2.04
N VAL B 8 -9.50 -15.06 -1.01
CA VAL B 8 -9.56 -14.46 0.30
C VAL B 8 -8.16 -14.40 0.88
N LEU B 9 -7.80 -13.25 1.44
CA LEU B 9 -6.48 -13.08 2.06
C LEU B 9 -6.69 -12.33 3.37
N THR B 10 -6.62 -13.05 4.48
CA THR B 10 -6.89 -12.50 5.80
C THR B 10 -5.58 -12.42 6.58
N GLN B 11 -5.29 -11.25 7.12
CA GLN B 11 -4.10 -10.98 7.89
C GLN B 11 -4.48 -10.75 9.34
N SER B 12 -3.53 -10.32 10.15
CA SER B 12 -3.88 -9.71 11.41
C SER B 12 -4.66 -8.45 11.08
N PRO B 13 -5.92 -8.30 11.53
CA PRO B 13 -6.89 -7.48 10.80
C PRO B 13 -6.46 -6.04 10.52
N ALA B 14 -6.22 -5.26 11.56
CA ALA B 14 -5.76 -3.89 11.37
C ALA B 14 -4.67 -3.45 12.32
N LEU B 15 -4.48 -4.09 13.47
CA LEU B 15 -3.71 -3.54 14.57
C LEU B 15 -2.35 -4.21 14.65
N MET B 16 -1.32 -3.40 14.83
CA MET B 16 0.00 -3.89 15.21
C MET B 16 0.68 -2.81 16.05
N ALA B 17 1.73 -3.22 16.75
CA ALA B 17 2.47 -2.32 17.62
C ALA B 17 3.82 -2.95 17.95
N ALA B 18 4.85 -2.11 18.00
CA ALA B 18 6.18 -2.61 18.32
C ALA B 18 7.06 -1.45 18.73
N SER B 19 8.10 -1.78 19.48
CA SER B 19 9.13 -0.83 19.90
C SER B 19 10.19 -0.72 18.83
N PRO B 20 11.15 0.21 18.97
CA PRO B 20 12.26 0.24 18.01
C PRO B 20 13.20 -0.95 18.17
N GLY B 21 12.80 -2.09 17.59
CA GLY B 21 13.60 -3.29 17.63
C GLY B 21 12.79 -4.58 17.78
N GLU B 22 11.49 -4.44 18.00
CA GLU B 22 10.65 -5.59 18.31
C GLU B 22 10.26 -6.35 17.05
N LYS B 23 10.11 -7.66 17.19
CA LYS B 23 9.68 -8.50 16.08
C LYS B 23 8.19 -8.25 15.79
N VAL B 24 7.84 -8.27 14.50
CA VAL B 24 6.46 -8.12 14.06
C VAL B 24 6.16 -9.28 13.13
N THR B 25 5.32 -10.21 13.58
CA THR B 25 4.97 -11.38 12.79
C THR B 25 3.62 -11.17 12.11
N ILE B 26 3.60 -10.22 11.18
CA ILE B 26 2.38 -9.96 10.42
C ILE B 26 2.09 -11.15 9.52
N THR B 27 1.05 -11.90 9.88
CA THR B 27 0.68 -13.10 9.17
C THR B 27 -0.17 -12.76 7.95
N CYS B 28 -0.23 -13.71 7.01
CA CYS B 28 -0.98 -13.53 5.77
C CYS B 28 -1.56 -14.90 5.43
N SER B 29 -2.75 -15.19 5.95
CA SER B 29 -3.41 -16.45 5.64
C SER B 29 -4.15 -16.34 4.32
N VAL B 30 -3.99 -17.35 3.49
CA VAL B 30 -4.58 -17.37 2.17
C VAL B 30 -5.62 -18.47 2.11
N SER B 31 -6.69 -18.21 1.37
CA SER B 31 -7.75 -19.19 1.20
C SER B 31 -7.28 -20.43 0.46
N SER B 32 -6.20 -20.34 -0.30
CA SER B 32 -5.60 -21.47 -0.97
C SER B 32 -4.12 -21.51 -0.65
N SER B 33 -3.54 -22.71 -0.73
CA SER B 33 -2.12 -22.90 -0.43
C SER B 33 -1.33 -22.43 -1.63
N ILE B 34 -0.94 -21.16 -1.62
CA ILE B 34 -0.21 -20.57 -2.73
C ILE B 34 1.28 -20.74 -2.50
N SER B 35 2.03 -20.75 -3.59
CA SER B 35 3.47 -20.89 -3.50
C SER B 35 4.12 -19.59 -3.06
N SER B 36 5.35 -19.69 -2.55
CA SER B 36 6.07 -18.52 -2.08
C SER B 36 6.30 -17.52 -3.19
N SER B 37 6.33 -17.97 -4.44
CA SER B 37 6.49 -17.07 -5.56
C SER B 37 5.32 -16.10 -5.66
N ASN B 38 4.15 -16.48 -5.16
CA ASN B 38 2.92 -15.80 -5.46
C ASN B 38 2.57 -14.70 -4.47
N LEU B 39 3.43 -14.38 -3.51
CA LEU B 39 3.07 -13.43 -2.47
C LEU B 39 4.01 -12.23 -2.46
N HIS B 40 3.43 -11.07 -2.16
CA HIS B 40 4.10 -9.78 -2.13
C HIS B 40 3.63 -9.03 -0.89
N TRP B 41 4.47 -8.10 -0.44
CA TRP B 41 4.16 -7.19 0.65
C TRP B 41 4.51 -5.78 0.20
N TYR B 42 3.62 -4.83 0.44
CA TYR B 42 3.83 -3.44 0.07
C TYR B 42 3.66 -2.55 1.29
N GLN B 43 4.61 -1.65 1.52
CA GLN B 43 4.56 -0.71 2.64
C GLN B 43 4.02 0.62 2.16
N GLN B 44 2.96 1.10 2.82
CA GLN B 44 2.39 2.41 2.54
C GLN B 44 2.36 3.22 3.83
N LYS B 45 3.14 4.29 3.89
CA LYS B 45 3.08 5.15 5.05
C LYS B 45 1.85 6.03 5.00
N SER B 46 1.47 6.56 6.16
CA SER B 46 0.22 7.29 6.28
C SER B 46 0.26 8.56 5.44
N GLU B 47 -0.76 8.72 4.60
CA GLU B 47 -0.87 9.85 3.67
C GLU B 47 0.37 9.96 2.79
N THR B 48 0.92 8.80 2.41
CA THR B 48 2.14 8.74 1.63
C THR B 48 2.01 7.60 0.63
N SER B 49 2.73 7.72 -0.48
CA SER B 49 2.72 6.70 -1.50
C SER B 49 3.31 5.40 -0.96
N PRO B 50 2.85 4.26 -1.45
CA PRO B 50 3.39 2.98 -0.98
C PRO B 50 4.79 2.72 -1.52
N LYS B 51 5.40 1.64 -1.07
CA LYS B 51 6.69 1.21 -1.53
C LYS B 51 6.65 -0.31 -1.62
N PRO B 52 7.32 -0.91 -2.59
CA PRO B 52 7.42 -2.36 -2.60
C PRO B 52 8.31 -2.80 -1.46
N TRP B 53 7.83 -3.75 -0.68
CA TRP B 53 8.59 -4.17 0.49
C TRP B 53 9.16 -5.57 0.35
N ILE B 54 8.35 -6.55 -0.05
CA ILE B 54 8.84 -7.89 -0.34
C ILE B 54 8.16 -8.37 -1.62
N TYR B 55 8.94 -8.91 -2.54
CA TYR B 55 8.39 -9.58 -3.70
C TYR B 55 8.83 -11.04 -3.69
N GLY B 56 7.88 -11.94 -3.93
CA GLY B 56 8.17 -13.36 -3.93
C GLY B 56 8.38 -13.98 -2.57
N THR B 57 7.92 -13.30 -1.52
CA THR B 57 7.83 -13.78 -0.14
C THR B 57 9.20 -13.87 0.52
N SER B 58 10.28 -13.70 -0.24
CA SER B 58 11.60 -13.76 0.37
C SER B 58 12.56 -12.71 -0.14
N ASN B 59 12.29 -12.06 -1.26
CA ASN B 59 13.21 -11.15 -1.89
C ASN B 59 12.72 -9.72 -1.70
N LEU B 60 13.48 -8.93 -0.95
CA LEU B 60 13.13 -7.56 -0.65
C LEU B 60 13.37 -6.67 -1.86
N ALA B 61 12.61 -5.59 -1.93
CA ALA B 61 12.68 -4.67 -3.04
C ALA B 61 13.82 -3.67 -2.84
N SER B 62 13.87 -2.66 -3.69
CA SER B 62 14.91 -1.63 -3.60
C SER B 62 14.60 -0.70 -2.43
N GLY B 63 15.61 -0.49 -1.58
CA GLY B 63 15.47 0.39 -0.44
C GLY B 63 14.94 -0.26 0.82
N VAL B 64 14.38 -1.46 0.70
CA VAL B 64 13.91 -2.18 1.90
C VAL B 64 15.12 -2.66 2.68
N PRO B 65 15.22 -2.37 3.97
CA PRO B 65 16.41 -2.78 4.73
C PRO B 65 16.45 -4.29 4.91
N ILE B 66 17.63 -4.77 5.32
CA ILE B 66 17.84 -6.19 5.55
C ILE B 66 17.04 -6.74 6.72
N ARG B 67 16.50 -5.86 7.56
CA ARG B 67 15.75 -6.33 8.73
C ARG B 67 14.50 -7.09 8.32
N PHE B 68 13.79 -6.61 7.31
CA PHE B 68 12.61 -7.30 6.83
C PHE B 68 13.00 -8.56 6.08
N SER B 69 12.27 -9.65 6.32
CA SER B 69 12.48 -10.90 5.59
C SER B 69 11.24 -11.77 5.74
N GLY B 70 10.53 -12.00 4.65
CA GLY B 70 9.40 -12.89 4.70
C GLY B 70 9.81 -14.35 4.78
N SER B 71 8.82 -15.21 4.97
CA SER B 71 9.07 -16.64 5.07
C SER B 71 7.78 -17.39 4.74
N GLY B 72 7.80 -18.70 4.96
CA GLY B 72 6.59 -19.50 4.92
C GLY B 72 6.17 -19.87 3.51
N SER B 73 5.17 -20.74 3.46
CA SER B 73 4.59 -21.21 2.20
C SER B 73 3.18 -21.72 2.50
N GLY B 74 2.57 -22.34 1.51
CA GLY B 74 1.25 -22.93 1.74
C GLY B 74 0.21 -21.85 1.94
N THR B 75 -0.56 -21.99 3.01
CA THR B 75 -1.61 -21.03 3.34
C THR B 75 -1.21 -20.09 4.47
N SER B 76 0.02 -20.16 4.94
CA SER B 76 0.51 -19.32 6.02
C SER B 76 1.69 -18.50 5.53
N TYR B 77 1.68 -17.20 5.81
CA TYR B 77 2.70 -16.32 5.27
C TYR B 77 3.05 -15.23 6.26
N SER B 78 4.34 -14.97 6.40
CA SER B 78 4.86 -14.11 7.45
C SER B 78 5.87 -13.12 6.89
N LEU B 79 6.16 -12.12 7.70
CA LEU B 79 7.08 -11.03 7.38
C LEU B 79 8.01 -10.80 8.56
N THR B 80 8.68 -11.86 9.01
CA THR B 80 9.66 -11.83 10.08
C THR B 80 10.62 -10.65 9.95
N ILE B 81 10.66 -9.82 10.98
CA ILE B 81 11.51 -8.64 11.03
C ILE B 81 12.51 -8.81 12.16
N SER B 82 13.80 -8.76 11.84
CA SER B 82 14.83 -9.00 12.85
C SER B 82 14.86 -7.88 13.88
N SER B 83 14.76 -6.63 13.44
CA SER B 83 14.77 -5.49 14.35
C SER B 83 14.02 -4.35 13.66
N LEU B 84 12.79 -4.13 14.09
CA LEU B 84 11.96 -3.08 13.50
C LEU B 84 12.31 -1.74 14.11
N GLU B 85 12.79 -0.81 13.28
CA GLU B 85 13.05 0.54 13.74
C GLU B 85 11.74 1.31 13.83
N ALA B 86 11.82 2.54 14.34
CA ALA B 86 10.61 3.35 14.46
C ALA B 86 10.14 3.87 13.11
N GLU B 87 11.06 4.04 12.16
CA GLU B 87 10.72 4.66 10.89
C GLU B 87 9.86 3.77 10.00
N ASP B 88 9.67 2.51 10.36
CA ASP B 88 8.97 1.56 9.50
C ASP B 88 7.47 1.55 9.73
N ALA B 89 6.96 2.47 10.52
CA ALA B 89 5.54 2.48 10.90
C ALA B 89 4.69 2.82 9.68
N ALA B 90 4.07 1.80 9.10
CA ALA B 90 3.26 1.98 7.90
C ALA B 90 2.34 0.78 7.76
N THR B 91 1.35 0.92 6.90
CA THR B 91 0.42 -0.18 6.63
C THR B 91 1.05 -1.11 5.60
N TYR B 92 1.14 -2.39 5.95
CA TYR B 92 1.81 -3.39 5.11
C TYR B 92 0.71 -4.24 4.49
N TYR B 93 0.47 -4.02 3.21
CA TYR B 93 -0.56 -4.73 2.48
C TYR B 93 0.03 -5.98 1.86
N CYS B 94 -0.54 -7.12 2.20
CA CYS B 94 -0.18 -8.39 1.56
C CYS B 94 -0.92 -8.49 0.23
N GLN B 95 -0.23 -8.99 -0.78
CA GLN B 95 -0.79 -9.14 -2.11
C GLN B 95 -0.46 -10.53 -2.63
N GLN B 96 -1.42 -11.14 -3.31
CA GLN B 96 -1.16 -12.40 -3.99
C GLN B 96 -0.96 -12.13 -5.47
N TRP B 97 -0.07 -12.90 -6.08
CA TRP B 97 -0.05 -12.92 -7.53
C TRP B 97 -0.05 -14.35 -8.05
N ARG B 98 -0.61 -15.27 -7.25
CA ARG B 98 -1.00 -16.58 -7.75
C ARG B 98 -2.12 -16.44 -8.78
N SER B 99 -3.27 -15.94 -8.36
CA SER B 99 -4.41 -15.77 -9.24
C SER B 99 -4.54 -14.30 -9.63
N TYR B 100 -5.59 -13.97 -10.36
CA TYR B 100 -5.80 -12.60 -10.80
C TYR B 100 -7.18 -12.00 -10.56
N PRO B 101 -7.71 -12.16 -9.34
CA PRO B 101 -8.24 -10.99 -8.64
C PRO B 101 -7.13 -10.13 -8.08
N TRP B 102 -5.94 -10.72 -7.94
CA TRP B 102 -4.75 -10.14 -7.30
C TRP B 102 -5.11 -9.51 -5.96
N THR B 103 -5.90 -10.23 -5.17
CA THR B 103 -6.53 -9.61 -4.01
C THR B 103 -5.49 -9.19 -2.97
N PHE B 104 -5.36 -7.88 -2.77
CA PHE B 104 -4.58 -7.37 -1.67
C PHE B 104 -5.27 -7.68 -0.34
N GLY B 105 -4.50 -7.66 0.73
CA GLY B 105 -5.06 -7.84 2.04
C GLY B 105 -5.85 -6.62 2.50
N GLY B 106 -6.48 -6.78 3.66
CA GLY B 106 -7.09 -5.63 4.30
C GLY B 106 -6.09 -4.73 4.97
N GLY B 107 -4.83 -5.13 5.04
CA GLY B 107 -3.78 -4.25 5.49
C GLY B 107 -3.67 -4.23 6.99
N THR B 108 -2.47 -4.47 7.52
CA THR B 108 -2.21 -4.32 8.95
C THR B 108 -1.50 -3.00 9.17
N LYS B 109 -2.18 -2.08 9.84
CA LYS B 109 -1.58 -0.81 10.20
C LYS B 109 -0.56 -1.03 11.29
N LEU B 110 0.71 -1.19 10.92
CA LEU B 110 1.77 -1.32 11.90
C LEU B 110 1.98 0.05 12.54
N GLU B 111 1.47 0.22 13.75
CA GLU B 111 1.73 1.42 14.54
C GLU B 111 2.97 1.18 15.39
N ILE B 112 3.23 2.08 16.34
CA ILE B 112 4.38 1.96 17.22
C ILE B 112 3.87 1.89 18.66
N LYS B 113 4.34 0.89 19.40
CA LYS B 113 4.06 0.77 20.83
C LYS B 113 5.11 1.57 21.59
N ARG B 114 4.67 2.63 22.25
CA ARG B 114 5.56 3.51 23.00
C ARG B 114 5.37 3.28 24.49
N THR B 115 6.09 4.06 25.28
CA THR B 115 5.84 4.08 26.72
C THR B 115 4.48 4.74 26.99
N VAL B 116 3.93 4.44 28.17
CA VAL B 116 2.61 4.97 28.52
C VAL B 116 2.73 6.46 28.76
N ALA B 117 2.29 7.26 27.79
CA ALA B 117 2.38 8.71 27.89
C ALA B 117 1.13 9.26 28.56
N ALA B 118 1.32 10.17 29.50
CA ALA B 118 0.21 10.74 30.23
C ALA B 118 -0.60 11.66 29.34
N PRO B 119 -1.88 11.38 29.12
CA PRO B 119 -2.72 12.32 28.36
C PRO B 119 -2.92 13.63 29.11
N SER B 120 -3.05 14.71 28.35
CA SER B 120 -3.19 16.06 28.91
C SER B 120 -4.43 16.71 28.33
N VAL B 121 -5.35 17.12 29.20
CA VAL B 121 -6.67 17.57 28.81
C VAL B 121 -6.70 19.09 28.80
N PHE B 122 -7.14 19.68 27.68
CA PHE B 122 -7.23 21.13 27.53
C PHE B 122 -8.59 21.47 26.96
N ILE B 123 -9.42 22.14 27.74
CA ILE B 123 -10.78 22.45 27.32
C ILE B 123 -10.82 23.88 26.81
N PHE B 124 -11.26 24.05 25.57
CA PHE B 124 -11.26 25.31 24.87
C PHE B 124 -12.70 25.76 24.62
N PRO B 125 -13.12 26.86 25.22
CA PRO B 125 -14.43 27.42 24.95
C PRO B 125 -14.43 28.19 23.65
N PRO B 126 -15.59 28.47 23.07
CA PRO B 126 -15.63 29.25 21.83
C PRO B 126 -15.19 30.69 22.07
N SER B 127 -14.70 31.30 21.00
CA SER B 127 -14.40 32.72 21.01
C SER B 127 -15.69 33.51 20.77
N ASP B 128 -15.59 34.83 20.86
CA ASP B 128 -16.75 35.68 20.60
C ASP B 128 -17.22 35.56 19.16
N GLU B 129 -16.29 35.29 18.24
CA GLU B 129 -16.63 35.18 16.83
C GLU B 129 -17.48 33.94 16.55
N GLN B 130 -17.19 32.83 17.24
CA GLN B 130 -18.00 31.63 17.05
C GLN B 130 -19.43 31.85 17.56
N LEU B 131 -19.57 32.57 18.67
CA LEU B 131 -20.90 32.93 19.15
C LEU B 131 -21.59 33.88 18.18
N LYS B 132 -20.82 34.75 17.53
CA LYS B 132 -21.40 35.60 16.49
C LYS B 132 -21.83 34.80 15.28
N SER B 133 -21.17 33.66 15.02
CA SER B 133 -21.51 32.82 13.89
C SER B 133 -22.82 32.05 14.09
N GLY B 134 -23.35 32.01 15.31
CA GLY B 134 -24.59 31.33 15.57
C GLY B 134 -24.47 29.84 15.80
N THR B 135 -23.27 29.27 15.70
CA THR B 135 -23.04 27.84 15.91
C THR B 135 -21.82 27.70 16.82
N ALA B 136 -22.07 27.68 18.12
CA ALA B 136 -20.99 27.52 19.08
C ALA B 136 -20.47 26.09 19.05
N SER B 137 -19.24 25.91 19.51
CA SER B 137 -18.61 24.59 19.48
C SER B 137 -17.49 24.57 20.50
N VAL B 138 -17.67 23.84 21.55
CA VAL B 138 -16.62 23.70 22.55
C VAL B 138 -15.76 22.54 22.12
N VAL B 139 -14.45 22.62 22.41
CA VAL B 139 -13.56 21.55 21.96
C VAL B 139 -12.62 21.23 23.09
N CYS B 140 -12.53 19.97 23.47
CA CYS B 140 -11.52 19.60 24.45
C CYS B 140 -10.52 18.65 23.82
N LEU B 141 -9.27 18.86 24.16
CA LEU B 141 -8.14 18.37 23.39
C LEU B 141 -7.28 17.48 24.27
N LEU B 142 -6.83 16.38 23.69
CA LEU B 142 -5.93 15.46 24.35
C LEU B 142 -4.66 15.49 23.52
N ASN B 143 -3.62 16.12 24.05
CA ASN B 143 -2.47 16.47 23.22
C ASN B 143 -1.60 15.25 22.92
N ASN B 144 -1.00 14.65 23.95
CA ASN B 144 -0.07 13.54 23.79
C ASN B 144 -0.56 12.38 24.62
N PHE B 145 -0.96 11.29 23.96
CA PHE B 145 -1.45 10.13 24.68
C PHE B 145 -1.30 8.89 23.82
N TYR B 146 -1.32 7.74 24.49
CA TYR B 146 -1.21 6.43 23.87
C TYR B 146 -1.67 5.42 24.90
N PRO B 147 -2.50 4.43 24.53
CA PRO B 147 -2.99 4.09 23.18
C PRO B 147 -4.12 4.96 22.67
N ARG B 148 -4.52 4.70 21.43
CA ARG B 148 -5.58 5.47 20.77
C ARG B 148 -6.92 5.31 21.48
N GLU B 149 -7.10 4.23 22.25
CA GLU B 149 -8.36 3.97 22.93
C GLU B 149 -8.76 5.15 23.80
N ALA B 150 -9.81 5.86 23.40
CA ALA B 150 -10.13 7.15 23.99
C ALA B 150 -11.55 7.52 23.63
N LYS B 151 -12.38 7.79 24.64
CA LYS B 151 -13.70 8.34 24.39
C LYS B 151 -14.06 9.23 25.58
N VAL B 152 -13.71 10.51 25.47
CA VAL B 152 -13.93 11.43 26.56
C VAL B 152 -15.42 11.69 26.74
N GLN B 153 -15.79 12.13 27.93
CA GLN B 153 -17.18 12.37 28.26
C GLN B 153 -17.46 13.87 28.28
N TRP B 154 -18.51 14.30 27.59
CA TRP B 154 -18.91 15.70 27.57
C TRP B 154 -20.07 15.90 28.54
N LYS B 155 -19.88 16.80 29.50
CA LYS B 155 -20.87 17.09 30.53
C LYS B 155 -21.36 18.52 30.38
N VAL B 156 -22.67 18.66 30.23
CA VAL B 156 -23.35 19.93 30.04
C VAL B 156 -24.15 20.21 31.32
N ASP B 157 -23.65 21.12 32.14
CA ASP B 157 -24.15 21.33 33.50
C ASP B 157 -24.23 20.00 34.26
N ASN B 158 -23.09 19.30 34.28
CA ASN B 158 -22.91 18.03 34.97
C ASN B 158 -23.83 16.94 34.44
N ALA B 159 -24.32 17.09 33.22
CA ALA B 159 -25.20 16.10 32.59
C ALA B 159 -24.56 15.61 31.30
N LEU B 160 -24.48 14.29 31.15
CA LEU B 160 -23.86 13.71 29.98
C LEU B 160 -24.72 13.91 28.74
N GLN B 161 -24.05 14.06 27.59
CA GLN B 161 -24.71 14.18 26.31
C GLN B 161 -24.12 13.16 25.35
N SER B 162 -24.95 12.68 24.43
CA SER B 162 -24.53 11.67 23.46
C SER B 162 -24.96 12.11 22.07
N GLY B 163 -24.16 11.70 21.08
CA GLY B 163 -24.44 12.03 19.70
C GLY B 163 -24.03 13.41 19.28
N ASN B 164 -23.45 14.20 20.17
CA ASN B 164 -22.99 15.56 19.89
C ASN B 164 -21.53 15.71 20.24
N SER B 165 -20.73 14.71 19.92
CA SER B 165 -19.29 14.75 20.18
C SER B 165 -18.60 13.92 19.11
N GLN B 166 -17.76 14.57 18.31
CA GLN B 166 -16.96 13.90 17.30
C GLN B 166 -15.49 13.94 17.72
N GLU B 167 -14.86 12.78 17.69
CA GLU B 167 -13.46 12.67 18.09
C GLU B 167 -12.60 12.40 16.86
N SER B 168 -11.60 13.25 16.66
CA SER B 168 -10.66 13.09 15.56
C SER B 168 -9.30 12.77 16.15
N VAL B 169 -8.68 11.71 15.65
CA VAL B 169 -7.39 11.25 16.15
C VAL B 169 -6.35 11.38 15.06
N THR B 170 -5.17 11.83 15.45
CA THR B 170 -4.08 12.01 14.51
C THR B 170 -3.33 10.70 14.32
N GLU B 171 -2.52 10.66 13.25
CA GLU B 171 -1.61 9.55 13.06
C GLU B 171 -0.46 9.65 14.06
N GLN B 172 0.34 8.58 14.10
CA GLN B 172 1.46 8.53 15.03
C GLN B 172 2.44 9.66 14.76
N ASP B 173 2.84 10.36 15.81
CA ASP B 173 3.81 11.43 15.66
C ASP B 173 5.21 10.86 15.42
N SER B 174 6.03 11.66 14.75
CA SER B 174 7.40 11.25 14.43
C SER B 174 8.39 11.67 15.50
N LYS B 175 7.95 12.34 16.56
CA LYS B 175 8.82 12.81 17.63
C LYS B 175 8.67 12.00 18.90
N ASP B 176 7.45 11.84 19.39
CA ASP B 176 7.20 11.09 20.62
C ASP B 176 6.31 9.88 20.42
N SER B 177 5.85 9.62 19.18
CA SER B 177 5.04 8.45 18.84
C SER B 177 3.75 8.41 19.65
N THR B 178 3.12 9.56 19.86
CA THR B 178 1.87 9.66 20.58
C THR B 178 0.74 10.03 19.64
N TYR B 179 -0.48 10.01 20.17
CA TYR B 179 -1.67 10.43 19.47
C TYR B 179 -2.14 11.76 20.01
N SER B 180 -2.94 12.44 19.21
CA SER B 180 -3.70 13.60 19.66
C SER B 180 -5.15 13.39 19.26
N LEU B 181 -6.06 13.70 20.18
CA LEU B 181 -7.48 13.51 19.95
C LEU B 181 -8.23 14.79 20.29
N SER B 182 -8.94 15.32 19.31
CA SER B 182 -9.76 16.51 19.52
C SER B 182 -11.21 16.08 19.56
N SER B 183 -11.90 16.44 20.65
CA SER B 183 -13.31 16.12 20.83
C SER B 183 -14.08 17.41 20.65
N THR B 184 -14.85 17.46 19.57
CA THR B 184 -15.69 18.60 19.27
C THR B 184 -17.11 18.33 19.75
N LEU B 185 -17.61 19.17 20.66
CA LEU B 185 -19.01 19.18 21.03
C LEU B 185 -19.63 20.42 20.39
N THR B 186 -20.43 20.21 19.36
CA THR B 186 -21.03 21.30 18.61
C THR B 186 -22.39 21.64 19.21
N LEU B 187 -22.66 22.94 19.32
CA LEU B 187 -23.91 23.42 19.89
C LEU B 187 -24.39 24.61 19.06
N SER B 188 -25.37 25.32 19.58
CA SER B 188 -25.79 26.61 19.06
C SER B 188 -25.50 27.69 20.11
N LYS B 189 -25.67 28.95 19.71
CA LYS B 189 -25.36 30.06 20.61
C LYS B 189 -26.27 30.06 21.83
N ALA B 190 -27.57 29.83 21.62
CA ALA B 190 -28.53 29.96 22.71
C ALA B 190 -28.31 28.91 23.79
N ASP B 191 -28.22 27.64 23.39
CA ASP B 191 -28.06 26.59 24.39
C ASP B 191 -26.65 26.54 24.97
N TYR B 192 -25.65 27.04 24.26
CA TYR B 192 -24.35 27.26 24.88
C TYR B 192 -24.43 28.33 25.96
N GLU B 193 -25.17 29.41 25.69
CA GLU B 193 -25.32 30.45 26.69
C GLU B 193 -26.15 29.98 27.88
N LYS B 194 -27.13 29.12 27.64
CA LYS B 194 -28.07 28.72 28.68
C LYS B 194 -27.44 27.80 29.72
N HIS B 195 -26.29 27.21 29.42
CA HIS B 195 -25.58 26.36 30.36
C HIS B 195 -24.24 26.99 30.71
N LYS B 196 -23.94 27.05 32.00
CA LYS B 196 -22.74 27.75 32.47
C LYS B 196 -21.54 26.83 32.59
N VAL B 197 -21.70 25.69 33.26
CA VAL B 197 -20.60 24.76 33.48
C VAL B 197 -20.52 23.81 32.29
N TYR B 198 -19.32 23.67 31.74
CA TYR B 198 -19.08 22.78 30.61
C TYR B 198 -17.81 22.00 30.88
N ALA B 199 -17.90 20.67 30.91
CA ALA B 199 -16.78 19.85 31.36
C ALA B 199 -16.53 18.70 30.40
N CYS B 200 -15.30 18.22 30.35
CA CYS B 200 -15.06 16.95 29.68
C CYS B 200 -14.12 16.12 30.54
N GLU B 201 -14.41 14.83 30.58
CA GLU B 201 -13.70 13.87 31.41
C GLU B 201 -12.86 12.97 30.52
N VAL B 202 -11.58 12.82 30.88
CA VAL B 202 -10.64 12.00 30.13
C VAL B 202 -10.97 10.53 30.33
N THR B 203 -10.33 9.66 29.57
CA THR B 203 -10.56 8.22 29.67
C THR B 203 -9.21 7.51 29.58
N HIS B 204 -9.27 6.20 29.30
CA HIS B 204 -8.15 5.26 29.28
C HIS B 204 -7.18 5.49 30.42
N GLN B 205 -5.90 5.65 30.12
CA GLN B 205 -4.90 5.83 31.17
C GLN B 205 -4.82 7.28 31.65
N GLY B 206 -5.84 8.10 31.38
CA GLY B 206 -5.84 9.46 31.91
C GLY B 206 -5.76 9.48 33.42
N LEU B 207 -6.67 8.76 34.09
CA LEU B 207 -6.64 8.54 35.53
C LEU B 207 -7.73 7.52 35.87
N SER B 208 -7.50 6.77 36.95
CA SER B 208 -8.54 5.86 37.45
C SER B 208 -9.79 6.65 37.84
N SER B 209 -9.61 7.75 38.55
CA SER B 209 -10.63 8.78 38.66
C SER B 209 -10.25 9.86 37.66
N PRO B 210 -10.80 9.80 36.44
CA PRO B 210 -10.28 10.64 35.35
C PRO B 210 -10.37 12.13 35.64
N VAL B 211 -9.35 12.86 35.20
CA VAL B 211 -9.29 14.30 35.44
C VAL B 211 -10.31 14.99 34.53
N THR B 212 -11.21 15.74 35.15
CA THR B 212 -12.25 16.46 34.41
C THR B 212 -11.84 17.91 34.27
N LYS B 213 -11.75 18.37 33.03
CA LYS B 213 -11.39 19.75 32.73
C LYS B 213 -12.64 20.50 32.30
N SER B 214 -12.93 21.60 32.98
CA SER B 214 -14.20 22.30 32.82
C SER B 214 -13.95 23.80 32.70
N PHE B 215 -15.01 24.51 32.31
CA PHE B 215 -15.00 25.96 32.34
C PHE B 215 -16.41 26.47 32.62
N ASN B 216 -16.46 27.67 33.18
CA ASN B 216 -17.71 28.36 33.44
C ASN B 216 -17.89 29.46 32.40
N ARG B 217 -19.03 29.47 31.73
CA ARG B 217 -19.24 30.41 30.64
C ARG B 217 -19.39 31.84 31.16
N GLY B 218 -18.79 32.78 30.43
CA GLY B 218 -18.89 34.19 30.78
C GLY B 218 -17.99 34.64 31.90
N GLU B 219 -17.07 33.79 32.36
CA GLU B 219 -16.16 34.16 33.44
C GLU B 219 -14.79 33.53 33.23
N GLU C 6 16.94 8.94 -8.12
CA GLU C 6 16.20 7.89 -8.81
C GLU C 6 15.04 8.47 -9.60
N VAL C 7 14.79 7.92 -10.79
CA VAL C 7 13.67 8.34 -11.59
C VAL C 7 12.39 7.81 -10.96
N GLN C 8 11.42 8.69 -10.76
CA GLN C 8 10.19 8.39 -10.06
C GLN C 8 9.00 8.63 -10.98
N LEU C 9 7.80 8.39 -10.44
CA LEU C 9 6.57 8.69 -11.13
C LEU C 9 5.82 9.76 -10.34
N GLN C 10 5.33 10.77 -11.04
CA GLN C 10 4.57 11.83 -10.40
C GLN C 10 3.07 11.56 -10.51
N GLN C 11 2.29 12.32 -9.74
CA GLN C 11 0.84 12.14 -9.72
C GLN C 11 0.19 13.45 -9.33
N SER C 12 -1.10 13.57 -9.67
CA SER C 12 -1.84 14.80 -9.43
C SER C 12 -2.10 14.99 -7.93
N GLY C 13 -2.52 16.21 -7.59
CA GLY C 13 -2.90 16.50 -6.22
C GLY C 13 -4.30 16.02 -5.90
N ALA C 14 -4.60 15.99 -4.61
CA ALA C 14 -5.88 15.51 -4.12
C ALA C 14 -7.02 16.34 -4.68
N GLU C 15 -7.80 15.75 -5.57
CA GLU C 15 -8.77 16.49 -6.35
C GLU C 15 -10.18 16.34 -5.79
N LEU C 16 -11.06 17.24 -6.23
CA LEU C 16 -12.46 17.26 -5.84
C LEU C 16 -13.30 16.76 -7.00
N VAL C 17 -14.16 15.77 -6.72
CA VAL C 17 -15.09 15.26 -7.72
C VAL C 17 -16.45 15.05 -7.08
N LYS C 18 -17.49 15.55 -7.74
CA LYS C 18 -18.85 15.36 -7.27
C LYS C 18 -19.28 13.91 -7.52
N PRO C 19 -20.25 13.41 -6.74
CA PRO C 19 -20.75 12.05 -6.97
C PRO C 19 -21.35 11.90 -8.36
N GLY C 20 -20.82 10.94 -9.12
CA GLY C 20 -21.23 10.72 -10.48
C GLY C 20 -20.30 11.29 -11.53
N ALA C 21 -19.20 11.92 -11.13
CA ALA C 21 -18.24 12.52 -12.04
C ALA C 21 -16.96 11.72 -12.05
N SER C 22 -16.50 11.37 -13.25
CA SER C 22 -15.27 10.59 -13.40
C SER C 22 -14.05 11.50 -13.21
N VAL C 23 -13.03 10.95 -12.55
CA VAL C 23 -11.80 11.70 -12.30
C VAL C 23 -10.91 11.64 -13.53
N LYS C 24 -9.87 12.47 -13.54
CA LYS C 24 -8.85 12.42 -14.58
C LYS C 24 -7.48 12.23 -13.94
N LEU C 25 -7.40 11.25 -13.03
CA LEU C 25 -6.21 11.04 -12.22
C LEU C 25 -5.05 10.61 -13.13
N SER C 26 -3.87 11.19 -12.90
CA SER C 26 -2.77 11.07 -13.86
C SER C 26 -1.48 10.67 -13.16
N CYS C 27 -0.81 9.66 -13.72
CA CYS C 27 0.54 9.26 -13.34
C CYS C 27 1.41 9.35 -14.59
N LYS C 28 2.49 10.13 -14.51
CA LYS C 28 3.33 10.31 -15.69
C LYS C 28 4.80 10.33 -15.31
N ALA C 29 5.63 9.77 -16.18
CA ALA C 29 7.08 9.87 -16.06
C ALA C 29 7.69 9.52 -17.42
N SER C 30 8.34 10.50 -18.05
CA SER C 30 8.99 10.30 -19.33
C SER C 30 10.49 10.10 -19.21
N GLY C 31 11.00 9.89 -18.00
CA GLY C 31 12.43 9.75 -17.79
C GLY C 31 12.89 8.31 -17.62
N TYR C 32 11.96 7.36 -17.59
CA TYR C 32 12.33 5.96 -17.40
C TYR C 32 11.86 5.08 -18.55
N THR C 33 11.46 5.67 -19.68
CA THR C 33 11.21 4.94 -20.92
C THR C 33 10.09 3.91 -20.77
N PHE C 34 8.86 4.43 -20.72
CA PHE C 34 7.64 3.64 -20.68
C PHE C 34 7.65 2.36 -21.49
N THR C 35 8.31 2.35 -22.66
CA THR C 35 8.36 1.09 -23.39
C THR C 35 9.41 0.16 -22.80
N SER C 36 9.39 -0.01 -21.48
CA SER C 36 10.18 -1.02 -20.80
C SER C 36 9.44 -1.75 -19.69
N TYR C 37 8.41 -1.17 -19.07
CA TYR C 37 7.77 -1.77 -17.91
C TYR C 37 6.27 -1.92 -18.11
N TRP C 38 5.54 -2.19 -17.03
CA TRP C 38 4.19 -2.73 -17.16
C TRP C 38 3.07 -1.87 -16.58
N MET C 39 3.38 -0.83 -15.79
CA MET C 39 2.50 0.32 -15.58
C MET C 39 1.16 -0.11 -14.94
N HIS C 40 1.26 -0.49 -13.66
CA HIS C 40 0.14 -1.00 -12.88
C HIS C 40 -0.62 0.11 -12.15
N TRP C 41 -1.76 -0.26 -11.58
CA TRP C 41 -2.61 0.65 -10.82
C TRP C 41 -3.30 -0.11 -9.69
N VAL C 42 -3.40 0.55 -8.53
CA VAL C 42 -3.97 -0.03 -7.32
C VAL C 42 -4.79 1.06 -6.62
N LYS C 43 -5.57 0.67 -5.61
CA LYS C 43 -6.39 1.62 -4.86
C LYS C 43 -6.42 1.27 -3.38
N GLN C 44 -6.28 2.30 -2.53
CA GLN C 44 -6.30 2.16 -1.09
C GLN C 44 -7.43 3.01 -0.52
N ARG C 45 -8.37 2.36 0.16
CA ARG C 45 -9.47 3.02 0.85
C ARG C 45 -9.05 3.40 2.27
N PRO C 46 -9.69 4.40 2.86
CA PRO C 46 -9.42 4.68 4.28
C PRO C 46 -9.82 3.50 5.15
N GLY C 47 -8.89 3.05 5.98
CA GLY C 47 -9.13 1.91 6.85
C GLY C 47 -9.06 0.59 6.14
N GLN C 48 -9.94 0.40 5.15
CA GLN C 48 -9.94 -0.81 4.35
C GLN C 48 -8.65 -0.91 3.54
N GLY C 49 -8.24 -2.14 3.24
CA GLY C 49 -6.97 -2.38 2.61
C GLY C 49 -6.96 -2.08 1.13
N LEU C 50 -5.81 -2.35 0.51
CA LEU C 50 -5.60 -2.07 -0.90
C LEU C 50 -6.49 -2.95 -1.77
N GLU C 51 -6.73 -2.49 -2.98
CA GLU C 51 -7.49 -3.24 -3.97
C GLU C 51 -6.81 -3.04 -5.31
N TRP C 52 -6.31 -4.12 -5.90
CA TRP C 52 -5.63 -4.06 -7.18
C TRP C 52 -6.59 -3.62 -8.27
N ILE C 53 -6.27 -2.51 -8.93
CA ILE C 53 -7.14 -2.00 -9.98
C ILE C 53 -6.85 -2.68 -11.30
N GLY C 54 -5.59 -2.68 -11.73
CA GLY C 54 -5.27 -3.37 -12.97
C GLY C 54 -3.92 -2.95 -13.54
N LEU C 55 -3.80 -3.12 -14.86
CA LEU C 55 -2.56 -2.90 -15.58
C LEU C 55 -2.87 -2.44 -17.00
N ILE C 56 -1.94 -1.67 -17.57
CA ILE C 56 -1.91 -1.41 -19.00
C ILE C 56 -0.46 -1.38 -19.44
N HIS C 57 -0.19 -1.93 -20.63
CA HIS C 57 1.16 -1.94 -21.18
C HIS C 57 1.42 -0.64 -21.93
N PRO C 58 2.47 0.12 -21.58
CA PRO C 58 2.82 1.30 -22.38
C PRO C 58 3.18 1.00 -23.82
N ASN C 59 3.78 -0.16 -24.07
CA ASN C 59 4.22 -0.47 -25.43
C ASN C 59 3.04 -0.66 -26.37
N SER C 60 1.94 -1.25 -25.90
CA SER C 60 0.86 -1.60 -26.80
C SER C 60 -0.53 -1.29 -26.26
N SER C 61 -0.64 -0.60 -25.12
CA SER C 61 -1.93 -0.13 -24.59
C SER C 61 -2.93 -1.27 -24.40
N SER C 62 -2.45 -2.38 -23.84
CA SER C 62 -3.28 -3.53 -23.56
C SER C 62 -3.52 -3.64 -22.07
N THR C 63 -4.77 -3.78 -21.67
CA THR C 63 -5.20 -3.61 -20.29
C THR C 63 -5.75 -4.92 -19.70
N TYR C 64 -5.47 -5.12 -18.42
CA TYR C 64 -6.10 -6.17 -17.63
C TYR C 64 -6.47 -5.63 -16.26
N TYR C 65 -7.76 -5.60 -15.95
CA TYR C 65 -8.23 -5.08 -14.68
C TYR C 65 -8.70 -6.24 -13.80
N ASN C 66 -9.25 -5.88 -12.64
CA ASN C 66 -9.81 -6.84 -11.69
C ASN C 66 -11.29 -7.04 -11.97
N GLU C 67 -11.82 -8.17 -11.48
CA GLU C 67 -13.24 -8.45 -11.63
C GLU C 67 -14.08 -7.42 -10.91
N LYS C 68 -13.66 -7.01 -9.71
CA LYS C 68 -14.35 -5.94 -8.99
C LYS C 68 -14.21 -4.59 -9.66
N PHE C 69 -13.22 -4.43 -10.54
CA PHE C 69 -12.97 -3.16 -11.20
C PHE C 69 -13.25 -3.22 -12.71
N LYS C 70 -13.85 -4.30 -13.19
CA LYS C 70 -14.29 -4.35 -14.57
C LYS C 70 -15.45 -3.38 -14.76
N THR C 71 -15.37 -2.56 -15.82
CA THR C 71 -16.33 -1.49 -16.10
C THR C 71 -16.41 -0.52 -14.91
N ARG C 72 -15.33 -0.40 -14.16
CA ARG C 72 -15.21 0.57 -13.09
C ARG C 72 -14.08 1.57 -13.33
N ALA C 73 -12.86 1.08 -13.58
CA ALA C 73 -11.71 1.92 -13.86
C ALA C 73 -11.13 1.56 -15.22
N THR C 74 -10.81 2.58 -16.00
CA THR C 74 -10.18 2.41 -17.31
C THR C 74 -8.79 3.03 -17.26
N LEU C 75 -7.78 2.20 -17.14
CA LEU C 75 -6.39 2.65 -17.12
C LEU C 75 -5.89 2.75 -18.56
N THR C 76 -5.49 3.96 -18.96
CA THR C 76 -4.97 4.21 -20.28
C THR C 76 -3.51 4.64 -20.17
N VAL C 77 -2.83 4.66 -21.30
CA VAL C 77 -1.42 5.04 -21.37
C VAL C 77 -1.21 5.99 -22.54
N ASP C 78 -0.26 6.90 -22.37
CA ASP C 78 0.07 7.90 -23.39
C ASP C 78 1.58 8.01 -23.53
N LYS C 79 2.24 6.85 -23.75
CA LYS C 79 3.68 6.69 -23.76
C LYS C 79 4.48 7.77 -24.49
N SER C 80 3.88 8.40 -25.51
CA SER C 80 4.55 9.50 -26.20
C SER C 80 4.82 10.65 -25.24
N SER C 81 3.82 11.05 -24.46
CA SER C 81 4.02 11.93 -23.32
C SER C 81 4.20 11.17 -22.03
N SER C 82 4.11 9.83 -22.08
CA SER C 82 4.29 8.95 -20.93
C SER C 82 3.30 9.25 -19.81
N THR C 83 2.07 9.57 -20.18
CA THR C 83 1.01 9.85 -19.22
C THR C 83 0.05 8.68 -19.14
N ALA C 84 -0.56 8.50 -17.96
CA ALA C 84 -1.55 7.47 -17.75
C ALA C 84 -2.70 8.06 -16.96
N TYR C 85 -3.89 8.04 -17.54
CA TYR C 85 -5.10 8.56 -16.94
C TYR C 85 -6.02 7.40 -16.53
N MET C 86 -7.05 7.72 -15.75
CA MET C 86 -8.04 6.74 -15.33
C MET C 86 -9.44 7.30 -15.51
N GLN C 87 -10.32 6.48 -16.09
CA GLN C 87 -11.73 6.82 -16.27
C GLN C 87 -12.54 6.06 -15.24
N LEU C 88 -13.33 6.79 -14.45
CA LEU C 88 -14.03 6.24 -13.29
C LEU C 88 -15.49 6.66 -13.30
N SER C 89 -16.17 6.42 -14.42
CA SER C 89 -17.60 6.69 -14.50
C SER C 89 -18.35 5.89 -13.46
N SER C 90 -19.42 6.48 -12.92
CA SER C 90 -20.16 5.96 -11.77
C SER C 90 -19.23 5.82 -10.55
N LEU C 91 -18.62 6.94 -10.19
CA LEU C 91 -17.74 7.03 -9.03
C LEU C 91 -18.58 7.33 -7.80
N THR C 92 -18.80 6.32 -6.98
CA THR C 92 -19.58 6.46 -5.75
C THR C 92 -18.64 6.52 -4.55
N SER C 93 -19.23 6.76 -3.38
CA SER C 93 -18.42 6.83 -2.16
C SER C 93 -17.78 5.49 -1.84
N GLU C 94 -18.28 4.40 -2.42
CA GLU C 94 -17.56 3.14 -2.37
C GLU C 94 -16.24 3.21 -3.12
N ASP C 95 -16.10 4.17 -4.04
CA ASP C 95 -14.86 4.38 -4.77
C ASP C 95 -14.10 5.60 -4.27
N SER C 96 -14.52 6.19 -3.15
CA SER C 96 -13.84 7.33 -2.57
C SER C 96 -12.60 6.82 -1.84
N ALA C 97 -11.46 6.88 -2.50
CA ALA C 97 -10.24 6.31 -1.96
C ALA C 97 -9.05 6.97 -2.64
N VAL C 98 -7.89 6.78 -2.04
CA VAL C 98 -6.64 7.19 -2.68
C VAL C 98 -6.28 6.14 -3.73
N TYR C 99 -5.83 6.60 -4.89
CA TYR C 99 -5.61 5.72 -6.03
C TYR C 99 -4.16 5.87 -6.49
N TYR C 100 -3.44 4.76 -6.55
CA TYR C 100 -2.00 4.77 -6.73
C TYR C 100 -1.59 4.15 -8.06
N CYS C 101 -0.50 4.70 -8.60
CA CYS C 101 0.14 4.24 -9.82
C CYS C 101 1.40 3.45 -9.46
N ALA C 102 1.74 2.48 -10.30
CA ALA C 102 2.93 1.66 -10.10
C ALA C 102 3.27 0.96 -11.42
N ARG C 103 4.22 0.03 -11.36
CA ARG C 103 4.67 -0.72 -12.53
C ARG C 103 5.39 -1.97 -12.04
N LEU C 104 5.31 -3.06 -12.82
CA LEU C 104 6.04 -4.26 -12.42
C LEU C 104 7.50 -4.18 -12.81
N GLY C 105 8.36 -4.38 -11.81
CA GLY C 105 9.79 -4.54 -12.04
C GLY C 105 10.11 -5.96 -12.43
N TYR C 106 11.40 -6.27 -12.42
CA TYR C 106 11.88 -7.57 -12.87
C TYR C 106 12.72 -8.25 -11.80
N GLY C 107 12.38 -8.03 -10.53
CA GLY C 107 13.14 -8.58 -9.43
C GLY C 107 13.15 -10.09 -9.44
N ASN C 108 14.31 -10.65 -9.79
CA ASN C 108 14.52 -12.10 -9.94
C ASN C 108 13.51 -12.59 -10.97
N SER C 109 12.83 -13.71 -10.74
CA SER C 109 11.84 -14.21 -11.67
C SER C 109 10.46 -13.63 -11.44
N TYR C 110 10.31 -12.75 -10.46
CA TYR C 110 9.03 -12.16 -10.10
C TYR C 110 8.91 -10.73 -10.61
N TRP C 111 7.67 -10.28 -10.75
CA TRP C 111 7.39 -8.90 -11.12
C TRP C 111 6.54 -8.25 -10.05
N TYR C 112 6.82 -6.99 -9.75
CA TYR C 112 6.28 -6.34 -8.57
C TYR C 112 6.36 -4.83 -8.72
N PHE C 113 5.57 -4.13 -7.91
CA PHE C 113 5.36 -2.68 -8.02
C PHE C 113 6.60 -1.94 -7.51
N ASP C 114 7.65 -1.90 -8.34
CA ASP C 114 8.95 -1.46 -7.86
C ASP C 114 9.00 0.03 -7.57
N VAL C 115 8.34 0.85 -8.40
CA VAL C 115 8.36 2.30 -8.23
C VAL C 115 6.93 2.79 -8.21
N TRP C 116 6.59 3.60 -7.21
CA TRP C 116 5.25 4.11 -7.02
C TRP C 116 5.14 5.56 -7.47
N GLY C 117 3.91 5.99 -7.72
CA GLY C 117 3.64 7.37 -8.07
C GLY C 117 3.61 8.26 -6.84
N THR C 118 3.23 9.52 -7.06
CA THR C 118 3.11 10.45 -5.94
C THR C 118 1.88 10.13 -5.09
N GLY C 119 0.77 9.77 -5.71
CA GLY C 119 -0.43 9.46 -4.96
C GLY C 119 -1.44 10.59 -5.06
N THR C 120 -2.72 10.22 -5.14
CA THR C 120 -3.76 11.22 -5.33
C THR C 120 -5.04 10.75 -4.67
N THR C 121 -5.60 11.59 -3.79
CA THR C 121 -6.79 11.24 -3.03
C THR C 121 -8.04 11.66 -3.79
N VAL C 122 -8.94 10.71 -4.04
CA VAL C 122 -10.20 10.96 -4.70
C VAL C 122 -11.29 11.03 -3.63
N THR C 123 -11.92 12.19 -3.50
CA THR C 123 -12.98 12.41 -2.54
C THR C 123 -14.30 12.62 -3.27
N VAL C 124 -15.30 11.83 -2.91
CA VAL C 124 -16.56 11.84 -3.66
C VAL C 124 -17.66 12.34 -2.74
N SER C 125 -17.32 13.26 -1.84
CA SER C 125 -18.34 13.85 -0.99
C SER C 125 -19.16 14.86 -1.77
N SER C 126 -20.43 14.98 -1.39
CA SER C 126 -21.40 15.76 -2.15
C SER C 126 -21.32 17.23 -1.76
N ALA C 127 -22.34 18.00 -2.16
CA ALA C 127 -22.51 19.41 -1.86
C ALA C 127 -21.40 20.26 -2.45
N SER C 128 -21.36 21.54 -2.09
CA SER C 128 -20.39 22.48 -2.63
C SER C 128 -19.26 22.70 -1.64
N THR C 129 -18.11 23.12 -2.18
CA THR C 129 -16.95 23.40 -1.36
C THR C 129 -17.21 24.62 -0.48
N LYS C 130 -16.46 24.70 0.61
CA LYS C 130 -16.55 25.81 1.55
C LYS C 130 -15.15 26.19 1.99
N GLY C 131 -15.05 27.30 2.70
CA GLY C 131 -13.78 27.80 3.16
C GLY C 131 -13.51 27.38 4.59
N PRO C 132 -12.25 27.35 4.96
CA PRO C 132 -11.81 26.99 6.28
C PRO C 132 -11.74 28.13 7.29
N SER C 133 -12.93 28.48 7.79
CA SER C 133 -13.06 29.56 8.76
C SER C 133 -12.35 29.23 10.07
N VAL C 134 -11.19 29.88 10.29
CA VAL C 134 -10.43 29.66 11.51
C VAL C 134 -11.20 30.19 12.71
N PHE C 135 -10.89 29.65 13.88
CA PHE C 135 -11.57 30.13 15.07
C PHE C 135 -10.64 30.01 16.26
N PRO C 136 -10.30 31.12 16.91
CA PRO C 136 -9.24 31.10 17.92
C PRO C 136 -9.68 30.40 19.19
N LEU C 137 -8.68 29.87 19.90
CA LEU C 137 -8.87 29.35 21.26
C LEU C 137 -7.95 30.09 22.22
N ALA C 138 -8.51 30.57 23.30
CA ALA C 138 -7.70 31.20 24.34
C ALA C 138 -7.07 30.12 25.21
N PRO C 139 -5.75 30.11 25.35
CA PRO C 139 -5.10 29.07 26.16
C PRO C 139 -5.45 29.14 27.64
N SER C 140 -4.90 28.20 28.43
CA SER C 140 -5.28 28.08 29.83
C SER C 140 -4.69 29.21 30.67
N SER C 141 -5.20 30.42 30.49
CA SER C 141 -4.72 31.55 31.28
C SER C 141 -5.25 31.51 32.71
N LYS C 142 -6.31 30.74 32.97
CA LYS C 142 -6.77 30.55 34.34
C LYS C 142 -5.73 29.81 35.17
N SER C 143 -5.08 28.80 34.59
CA SER C 143 -3.99 28.11 35.27
C SER C 143 -2.80 29.04 35.46
N THR C 144 -2.48 29.84 34.44
CA THR C 144 -1.44 30.88 34.49
C THR C 144 -0.06 30.32 34.77
N SER C 145 0.14 29.76 35.97
CA SER C 145 1.43 29.24 36.38
C SER C 145 1.72 27.85 35.84
N GLY C 146 0.78 27.23 35.13
CA GLY C 146 1.03 25.91 34.58
C GLY C 146 2.12 25.91 33.53
N GLY C 147 2.08 26.89 32.62
CA GLY C 147 3.10 27.05 31.61
C GLY C 147 2.92 26.20 30.37
N THR C 148 2.33 25.02 30.49
CA THR C 148 2.15 24.10 29.38
C THR C 148 0.85 24.35 28.61
N ALA C 149 0.26 25.53 28.74
CA ALA C 149 -1.00 25.83 28.07
C ALA C 149 -0.81 25.85 26.55
N ALA C 150 -1.88 25.49 25.85
CA ALA C 150 -1.86 25.34 24.40
C ALA C 150 -3.04 26.08 23.81
N LEU C 151 -2.99 26.31 22.51
CA LEU C 151 -4.08 26.98 21.81
C LEU C 151 -4.24 26.35 20.44
N GLY C 152 -5.08 26.93 19.61
CA GLY C 152 -5.29 26.35 18.29
C GLY C 152 -6.29 27.16 17.48
N CYS C 153 -6.49 26.70 16.26
CA CYS C 153 -7.46 27.26 15.33
C CYS C 153 -8.33 26.13 14.82
N LEU C 154 -9.64 26.27 15.00
CA LEU C 154 -10.61 25.28 14.56
C LEU C 154 -11.18 25.67 13.20
N VAL C 155 -10.76 24.98 12.16
CA VAL C 155 -11.27 25.23 10.82
C VAL C 155 -12.46 24.29 10.65
N LYS C 156 -13.63 24.81 10.98
CA LYS C 156 -14.89 24.12 10.77
C LYS C 156 -15.45 24.47 9.40
N ASP C 157 -16.33 23.60 8.92
CA ASP C 157 -17.10 23.84 7.70
C ASP C 157 -16.19 24.03 6.48
N TYR C 158 -15.32 23.05 6.26
CA TYR C 158 -14.47 23.03 5.08
C TYR C 158 -14.63 21.69 4.38
N PHE C 159 -14.41 21.70 3.07
CA PHE C 159 -14.51 20.53 2.20
C PHE C 159 -13.95 20.89 0.83
N PRO C 160 -13.14 20.04 0.18
CA PRO C 160 -12.50 18.77 0.59
C PRO C 160 -11.26 18.99 1.43
N GLU C 161 -10.29 18.07 1.46
CA GLU C 161 -9.25 18.14 2.48
C GLU C 161 -7.84 18.46 2.01
N PRO C 162 -7.58 19.47 1.16
CA PRO C 162 -6.21 19.95 1.06
C PRO C 162 -5.98 21.16 1.95
N VAL C 163 -6.33 21.03 3.23
CA VAL C 163 -6.20 22.13 4.17
C VAL C 163 -4.79 22.13 4.74
N THR C 164 -4.18 23.31 4.76
CA THR C 164 -2.79 23.48 5.14
C THR C 164 -2.68 24.53 6.25
N VAL C 165 -3.47 24.34 7.31
CA VAL C 165 -3.38 25.21 8.48
C VAL C 165 -1.94 25.21 8.97
N SER C 166 -1.32 26.38 8.97
CA SER C 166 0.05 26.53 9.44
C SER C 166 0.09 27.67 10.43
N TRP C 167 1.07 27.61 11.33
CA TRP C 167 1.23 28.64 12.35
C TRP C 167 2.54 29.37 12.12
N ASN C 168 2.46 30.70 11.98
CA ASN C 168 3.48 31.62 11.52
C ASN C 168 3.80 31.46 10.04
N SER C 169 3.22 30.45 9.38
CA SER C 169 3.29 30.19 7.94
C SER C 169 4.68 29.82 7.46
N GLY C 170 5.68 29.90 8.33
CA GLY C 170 7.04 29.55 7.97
C GLY C 170 7.84 28.95 9.12
N ALA C 171 7.20 28.81 10.28
CA ALA C 171 7.91 28.38 11.47
C ALA C 171 6.96 27.54 12.33
N LEU C 172 7.33 27.33 13.59
CA LEU C 172 6.56 26.55 14.56
C LEU C 172 6.27 25.15 14.03
N THR C 173 7.34 24.48 13.59
CA THR C 173 7.24 23.12 13.08
C THR C 173 6.97 22.09 14.17
N SER C 174 7.08 22.48 15.44
CA SER C 174 6.88 21.57 16.56
C SER C 174 5.61 21.95 17.31
N GLY C 175 4.75 20.98 17.55
CA GLY C 175 3.54 21.16 18.32
C GLY C 175 2.27 21.28 17.50
N VAL C 176 2.38 21.60 16.21
CA VAL C 176 1.19 21.73 15.37
C VAL C 176 0.58 20.35 15.14
N HIS C 177 -0.74 20.24 15.36
CA HIS C 177 -1.47 18.99 15.23
C HIS C 177 -2.63 19.21 14.27
N THR C 178 -2.38 19.04 12.98
CA THR C 178 -3.43 19.17 11.97
C THR C 178 -4.27 17.90 12.02
N PHE C 179 -5.40 17.96 12.71
CA PHE C 179 -6.24 16.80 12.90
C PHE C 179 -6.86 16.38 11.57
N PRO C 180 -7.09 15.09 11.38
CA PRO C 180 -7.95 14.65 10.28
C PRO C 180 -9.36 15.14 10.52
N ALA C 181 -10.06 15.42 9.44
CA ALA C 181 -11.40 15.96 9.57
C ALA C 181 -12.41 14.87 9.85
N VAL C 182 -13.57 15.29 10.31
CA VAL C 182 -14.68 14.40 10.62
C VAL C 182 -15.86 14.75 9.73
N LEU C 183 -16.71 13.77 9.48
CA LEU C 183 -17.94 13.98 8.70
C LEU C 183 -18.99 14.55 9.63
N GLN C 184 -19.13 15.87 9.62
CA GLN C 184 -20.05 16.54 10.53
C GLN C 184 -21.50 16.29 10.09
N SER C 185 -22.43 16.67 10.97
CA SER C 185 -23.84 16.42 10.70
C SER C 185 -24.35 17.23 9.52
N SER C 186 -23.72 18.36 9.22
CA SER C 186 -24.08 19.17 8.06
C SER C 186 -23.45 18.68 6.76
N GLY C 187 -22.60 17.65 6.82
CA GLY C 187 -21.92 17.12 5.67
C GLY C 187 -20.55 17.72 5.43
N LEU C 188 -20.37 19.01 5.72
CA LEU C 188 -19.08 19.66 5.52
C LEU C 188 -18.11 19.23 6.62
N TYR C 189 -16.90 18.89 6.21
CA TYR C 189 -15.91 18.40 7.14
C TYR C 189 -15.37 19.53 8.01
N SER C 190 -14.57 19.16 9.00
CA SER C 190 -14.03 20.14 9.93
C SER C 190 -12.83 19.54 10.62
N LEU C 191 -11.74 20.30 10.70
CA LEU C 191 -10.58 19.88 11.48
C LEU C 191 -10.19 21.00 12.43
N SER C 192 -9.23 20.70 13.28
CA SER C 192 -8.64 21.69 14.16
C SER C 192 -7.15 21.51 14.13
N SER C 193 -6.43 22.61 14.30
CA SER C 193 -4.99 22.56 14.55
C SER C 193 -4.75 23.11 15.93
N VAL C 194 -3.82 22.53 16.65
CA VAL C 194 -3.49 22.97 17.99
C VAL C 194 -1.98 23.01 18.13
N VAL C 195 -1.48 24.07 18.76
CA VAL C 195 -0.06 24.25 19.01
C VAL C 195 0.16 24.39 20.51
N THR C 196 1.30 23.89 20.97
CA THR C 196 1.68 23.96 22.38
C THR C 196 2.72 25.06 22.53
N VAL C 197 2.24 26.25 22.90
CA VAL C 197 3.07 27.45 23.00
C VAL C 197 3.92 27.38 24.26
N PRO C 198 4.97 28.20 24.38
CA PRO C 198 5.75 28.22 25.63
C PRO C 198 4.97 28.83 26.78
N SER C 199 5.65 28.98 27.92
CA SER C 199 4.99 29.43 29.14
C SER C 199 4.48 30.87 28.99
N SER C 200 3.67 31.27 29.95
CA SER C 200 3.06 32.59 29.95
C SER C 200 4.12 33.66 30.24
N SER C 201 3.66 34.91 30.27
CA SER C 201 4.49 36.10 30.47
C SER C 201 5.54 36.24 29.36
N LEU C 202 6.49 35.31 29.30
CA LEU C 202 7.47 35.32 28.23
C LEU C 202 6.87 34.92 26.89
N GLY C 203 5.73 34.24 26.89
CA GLY C 203 5.10 33.79 25.65
C GLY C 203 4.17 34.82 25.04
N THR C 204 4.70 35.99 24.71
CA THR C 204 3.94 37.06 24.08
C THR C 204 4.31 37.09 22.61
N GLN C 205 3.45 36.52 21.77
CA GLN C 205 3.70 36.44 20.34
C GLN C 205 2.36 36.41 19.61
N THR C 206 2.27 37.17 18.52
CA THR C 206 1.10 37.13 17.65
C THR C 206 1.10 35.81 16.90
N TYR C 207 0.29 34.86 17.36
CA TYR C 207 0.25 33.52 16.78
C TYR C 207 -0.66 33.54 15.56
N ILE C 208 -0.06 33.62 14.39
CA ILE C 208 -0.78 33.88 13.15
C ILE C 208 -1.12 32.53 12.52
N CYS C 209 -2.41 32.17 12.51
CA CYS C 209 -2.84 30.92 11.90
C CYS C 209 -3.51 31.22 10.56
N ASN C 210 -3.11 30.46 9.53
CA ASN C 210 -3.60 30.66 8.17
C ASN C 210 -3.92 29.31 7.55
N VAL C 211 -4.83 29.32 6.59
CA VAL C 211 -5.22 28.13 5.85
C VAL C 211 -5.12 28.42 4.36
N ASN C 212 -4.97 27.36 3.57
CA ASN C 212 -4.94 27.49 2.11
C ASN C 212 -5.72 26.31 1.54
N HIS C 213 -7.04 26.47 1.43
CA HIS C 213 -7.90 25.44 0.87
C HIS C 213 -7.78 25.49 -0.64
N LYS C 214 -7.20 24.45 -1.24
CA LYS C 214 -6.78 24.52 -2.64
C LYS C 214 -7.93 24.74 -3.64
N PRO C 215 -9.02 23.97 -3.64
CA PRO C 215 -10.04 24.18 -4.69
C PRO C 215 -10.88 25.42 -4.46
N SER C 216 -10.79 26.03 -3.28
CA SER C 216 -11.50 27.25 -2.91
C SER C 216 -10.51 28.27 -2.38
N ASN C 217 -9.46 28.52 -3.16
CA ASN C 217 -8.24 29.18 -2.72
C ASN C 217 -8.49 30.42 -1.89
N THR C 218 -8.16 30.32 -0.60
CA THR C 218 -8.43 31.36 0.38
C THR C 218 -7.34 31.30 1.42
N LYS C 219 -6.79 32.47 1.76
CA LYS C 219 -5.75 32.60 2.77
C LYS C 219 -6.33 33.02 4.10
N VAL C 220 -7.52 32.52 4.45
CA VAL C 220 -8.24 32.93 5.66
C VAL C 220 -7.34 32.74 6.87
N ASP C 221 -7.01 33.85 7.52
CA ASP C 221 -5.96 33.91 8.52
C ASP C 221 -6.38 34.85 9.64
N LYS C 222 -6.17 34.43 10.88
CA LYS C 222 -6.24 35.37 12.00
C LYS C 222 -5.22 35.01 13.07
N LYS C 223 -4.91 36.02 13.88
CA LYS C 223 -4.02 35.89 15.02
C LYS C 223 -4.80 35.45 16.25
N VAL C 224 -4.26 34.50 16.98
CA VAL C 224 -4.87 34.04 18.23
C VAL C 224 -4.21 34.77 19.39
N GLU C 225 -5.00 35.54 20.13
CA GLU C 225 -4.51 36.29 21.26
C GLU C 225 -5.19 35.81 22.53
N PRO C 226 -4.43 35.40 23.55
CA PRO C 226 -5.05 34.87 24.78
C PRO C 226 -5.89 35.92 25.49
N LYS C 227 -6.94 35.44 26.14
CA LYS C 227 -7.87 36.28 26.88
C LYS C 227 -7.57 36.21 28.38
N SER C 228 -7.80 37.33 29.07
CA SER C 228 -7.56 37.42 30.50
C SER C 228 -8.82 37.12 31.32
N CYS C 229 -9.74 36.32 30.78
CA CYS C 229 -10.98 35.92 31.46
C CYS C 229 -11.83 37.11 31.89
#